data_8J71
#
_entry.id   8J71
#
_cell.length_a   41.131
_cell.length_b   59.748
_cell.length_c   124.956
_cell.angle_alpha   90.00
_cell.angle_beta   90.00
_cell.angle_gamma   90.00
#
_symmetry.space_group_name_H-M   'P 21 21 21'
#
loop_
_entity.id
_entity.type
_entity.pdbx_description
1 polymer 'Nuclear body protein SP140'
2 polymer "DNA (5'-D(*GP*GP*GP*CP*GP*GP*CP*CP*GP*CP*CP*CP*T)-3')"
3 water water
#
loop_
_entity_poly.entity_id
_entity_poly.type
_entity_poly.pdbx_seq_one_letter_code
_entity_poly.pdbx_strand_id
1 'polypeptide(L)'
;GPLGSDETVDFKAPLLPVTCGGVKGI(MSE)HKKKLQQGILVKCIQTEDGKWFTPTEFEIKGGHARSKNWRLSVRCGGWP
LRW(MSE)(MSE)ENGFLPDPPRIRYRKKKR
;
A,B
2 'polydeoxyribonucleotide' (DG)(DG)(DG)(DC)(DG)(DG)(DC)(DC)(DG)(DC)(DC)(DC)(DT) C,D
#
loop_
_chem_comp.id
_chem_comp.type
_chem_comp.name
_chem_comp.formula
DC DNA linking 2'-DEOXYCYTIDINE-5'-MONOPHOSPHATE 'C9 H14 N3 O7 P'
DG DNA linking 2'-DEOXYGUANOSINE-5'-MONOPHOSPHATE 'C10 H14 N5 O7 P'
DT DNA linking THYMIDINE-5'-MONOPHOSPHATE 'C10 H15 N2 O8 P'
#
# COMPACT_ATOMS: atom_id res chain seq x y z
N GLY A 1 4.99 27.39 -2.42
CA GLY A 1 5.20 25.96 -2.46
C GLY A 1 4.20 25.10 -1.72
N PRO A 2 4.08 25.30 -0.40
CA PRO A 2 3.10 24.52 0.40
C PRO A 2 1.67 25.06 0.34
N LEU A 3 1.46 26.25 -0.20
CA LEU A 3 0.13 26.85 -0.22
C LEU A 3 -0.71 26.25 -1.34
N GLY A 4 -2.00 26.59 -1.34
CA GLY A 4 -2.90 26.17 -2.39
C GLY A 4 -2.74 26.99 -3.66
N SER A 5 -3.63 26.71 -4.61
CA SER A 5 -3.57 27.34 -5.93
C SER A 5 -4.20 28.72 -5.92
N ASP A 6 -4.55 29.23 -7.10
CA ASP A 6 -5.19 30.53 -7.24
C ASP A 6 -6.69 30.43 -7.55
N GLU A 7 -7.23 29.24 -7.72
CA GLU A 7 -8.65 29.08 -8.03
C GLU A 7 -9.50 29.23 -6.77
N THR A 8 -10.73 29.71 -6.96
CA THR A 8 -11.68 29.82 -5.87
C THR A 8 -12.43 28.49 -5.70
N VAL A 9 -12.37 27.95 -4.49
CA VAL A 9 -13.04 26.71 -4.11
C VAL A 9 -13.69 26.93 -2.75
N ASP A 10 -14.94 26.47 -2.60
CA ASP A 10 -15.61 26.55 -1.31
C ASP A 10 -15.31 25.28 -0.51
N PHE A 11 -14.43 25.42 0.49
CA PHE A 11 -14.00 24.28 1.28
C PHE A 11 -15.11 23.67 2.12
N LYS A 12 -16.21 24.39 2.33
CA LYS A 12 -17.31 23.88 3.16
C LYS A 12 -18.38 23.13 2.36
N ALA A 13 -18.31 23.11 1.04
CA ALA A 13 -19.34 22.45 0.25
C ALA A 13 -19.31 20.93 0.45
N PRO A 14 -20.46 20.26 0.33
CA PRO A 14 -20.47 18.79 0.46
C PRO A 14 -19.70 18.08 -0.63
N LEU A 15 -19.59 18.69 -1.81
CA LEU A 15 -18.86 18.11 -2.93
C LEU A 15 -17.65 18.99 -3.24
N LEU A 16 -16.46 18.38 -3.23
CA LEU A 16 -15.23 19.15 -3.44
C LEU A 16 -14.53 18.73 -4.71
N PRO A 17 -14.03 19.68 -5.51
CA PRO A 17 -13.12 19.30 -6.60
C PRO A 17 -11.79 18.89 -5.99
N VAL A 18 -11.33 17.70 -6.35
CA VAL A 18 -10.02 17.26 -5.90
C VAL A 18 -9.17 16.88 -7.10
N THR A 19 -7.86 16.86 -6.87
CA THR A 19 -6.92 16.49 -7.92
C THR A 19 -5.85 15.58 -7.33
N CYS A 20 -5.24 14.80 -8.22
CA CYS A 20 -4.11 13.95 -7.86
C CYS A 20 -3.35 13.71 -9.15
N GLY A 21 -2.12 14.23 -9.25
CA GLY A 21 -1.44 14.24 -10.53
C GLY A 21 -2.24 15.11 -11.49
N GLY A 22 -2.48 14.61 -12.69
CA GLY A 22 -3.32 15.35 -13.59
C GLY A 22 -4.80 15.06 -13.47
N VAL A 23 -5.19 14.12 -12.62
CA VAL A 23 -6.55 13.56 -12.65
C VAL A 23 -7.47 14.39 -11.75
N LYS A 24 -8.63 14.75 -12.29
CA LYS A 24 -9.64 15.51 -11.56
C LYS A 24 -10.77 14.56 -11.16
N GLY A 25 -11.34 14.83 -9.98
CA GLY A 25 -12.52 14.12 -9.52
C GLY A 25 -13.30 15.00 -8.57
N ILE A 26 -14.45 14.50 -8.13
CA ILE A 26 -15.28 15.19 -7.14
C ILE A 26 -15.40 14.29 -5.92
N MSE A 27 -14.97 14.78 -4.76
CA MSE A 27 -15.12 14.01 -3.51
C MSE A 27 -16.42 14.33 -2.83
O MSE A 27 -16.75 15.49 -2.62
CB MSE A 27 -13.99 14.30 -2.50
CG MSE A 27 -14.01 13.35 -1.25
SE MSE A 27 -12.35 13.90 -0.35
CE MSE A 27 -11.41 12.19 -0.49
N HIS A 28 -17.11 13.28 -2.46
CA HIS A 28 -18.38 13.40 -1.73
C HIS A 28 -18.06 13.21 -0.25
N LYS A 29 -18.13 14.31 0.52
CA LYS A 29 -17.81 14.23 1.94
C LYS A 29 -18.67 13.20 2.67
N LYS A 30 -19.96 13.11 2.30
CA LYS A 30 -20.85 12.20 2.99
C LYS A 30 -20.43 10.75 2.79
N LYS A 31 -19.80 10.43 1.67
CA LYS A 31 -19.31 9.08 1.43
C LYS A 31 -17.99 8.84 2.14
N LEU A 32 -17.07 9.81 2.11
CA LEU A 32 -15.83 9.68 2.86
C LEU A 32 -16.10 9.39 4.34
N GLN A 33 -17.08 10.08 4.93
CA GLN A 33 -17.43 9.87 6.33
C GLN A 33 -17.84 8.44 6.64
N GLN A 34 -18.26 7.68 5.63
CA GLN A 34 -18.78 6.35 5.90
C GLN A 34 -17.67 5.36 6.23
N GLY A 35 -16.47 5.59 5.73
CA GLY A 35 -15.35 4.71 5.97
C GLY A 35 -14.36 4.77 4.82
N ILE A 36 -13.10 4.44 5.14
CA ILE A 36 -12.01 4.64 4.19
C ILE A 36 -12.15 3.73 2.97
N LEU A 37 -12.86 2.61 3.09
CA LEU A 37 -13.03 1.73 1.95
C LEU A 37 -14.25 2.07 1.10
N VAL A 38 -14.98 3.13 1.43
CA VAL A 38 -16.13 3.51 0.63
C VAL A 38 -15.66 4.33 -0.55
N LYS A 39 -16.19 4.03 -1.73
CA LYS A 39 -15.87 4.83 -2.92
C LYS A 39 -16.53 6.19 -2.75
N CYS A 40 -15.71 7.25 -2.74
CA CYS A 40 -16.18 8.60 -2.44
C CYS A 40 -15.76 9.64 -3.47
N ILE A 41 -14.94 9.30 -4.46
CA ILE A 41 -14.42 10.25 -5.43
C ILE A 41 -14.87 9.79 -6.81
N GLN A 42 -15.57 10.65 -7.53
CA GLN A 42 -16.09 10.31 -8.85
C GLN A 42 -15.34 11.10 -9.91
N THR A 43 -14.79 10.40 -10.88
CA THR A 43 -14.16 11.06 -12.01
C THR A 43 -15.19 11.39 -13.08
N GLU A 44 -14.75 12.13 -14.11
CA GLU A 44 -15.70 12.69 -15.05
C GLU A 44 -16.35 11.61 -15.93
N ASP A 45 -15.65 10.50 -16.16
CA ASP A 45 -16.23 9.36 -16.87
C ASP A 45 -17.26 8.61 -16.04
N GLY A 46 -17.57 9.07 -14.82
CA GLY A 46 -18.53 8.41 -13.97
C GLY A 46 -17.96 7.36 -13.03
N LYS A 47 -16.69 6.97 -13.20
CA LYS A 47 -16.10 5.94 -12.36
C LYS A 47 -15.77 6.46 -10.97
N TRP A 48 -15.83 5.55 -9.98
CA TRP A 48 -15.70 5.90 -8.57
C TRP A 48 -14.45 5.28 -7.95
N PHE A 49 -13.87 6.00 -7.00
CA PHE A 49 -12.62 5.60 -6.37
C PHE A 49 -12.68 5.84 -4.87
N THR A 50 -12.06 4.94 -4.09
CA THR A 50 -11.72 5.25 -2.72
C THR A 50 -10.55 6.23 -2.74
N PRO A 51 -10.23 6.87 -1.61
CA PRO A 51 -9.06 7.77 -1.59
C PRO A 51 -7.77 7.10 -2.01
N THR A 52 -7.47 5.89 -1.53
CA THR A 52 -6.23 5.26 -1.96
C THR A 52 -6.30 4.82 -3.43
N GLU A 53 -7.48 4.41 -3.91
CA GLU A 53 -7.60 4.10 -5.33
C GLU A 53 -7.37 5.36 -6.19
N PHE A 54 -7.88 6.50 -5.72
CA PHE A 54 -7.68 7.75 -6.46
C PHE A 54 -6.21 8.15 -6.47
N GLU A 55 -5.49 7.96 -5.36
CA GLU A 55 -4.05 8.20 -5.36
C GLU A 55 -3.34 7.37 -6.41
N ILE A 56 -3.71 6.10 -6.54
CA ILE A 56 -3.08 5.26 -7.55
C ILE A 56 -3.44 5.73 -8.95
N LYS A 57 -4.71 6.06 -9.17
CA LYS A 57 -5.14 6.57 -10.46
C LYS A 57 -4.35 7.81 -10.85
N GLY A 58 -4.06 8.69 -9.90
CA GLY A 58 -3.31 9.90 -10.17
C GLY A 58 -1.82 9.72 -10.36
N GLY A 59 -1.32 8.48 -10.35
CA GLY A 59 0.08 8.22 -10.54
C GLY A 59 0.93 8.32 -9.29
N HIS A 60 0.31 8.40 -8.12
CA HIS A 60 1.04 8.59 -6.86
C HIS A 60 0.98 7.38 -5.94
N ALA A 61 0.93 6.17 -6.51
CA ALA A 61 0.93 4.97 -5.67
C ALA A 61 2.13 4.93 -4.74
N ARG A 62 3.29 5.41 -5.21
CA ARG A 62 4.49 5.34 -4.41
C ARG A 62 4.43 6.25 -3.19
N SER A 63 3.57 7.28 -3.22
CA SER A 63 3.47 8.17 -2.08
C SER A 63 2.86 7.49 -0.87
N LYS A 64 1.92 6.56 -1.10
CA LYS A 64 1.26 5.80 -0.04
C LYS A 64 0.63 6.71 1.00
N ASN A 65 0.11 7.86 0.59
CA ASN A 65 -0.51 8.75 1.57
C ASN A 65 -1.43 9.71 0.81
N TRP A 66 -2.69 9.28 0.62
CA TRP A 66 -3.67 10.08 -0.10
C TRP A 66 -3.95 11.39 0.61
N ARG A 67 -3.71 11.47 1.92
CA ARG A 67 -3.93 12.74 2.61
C ARG A 67 -2.97 13.83 2.13
N LEU A 68 -1.81 13.46 1.58
CA LEU A 68 -0.87 14.45 1.05
C LEU A 68 -0.82 14.46 -0.48
N SER A 69 -1.13 13.34 -1.13
CA SER A 69 -1.04 13.28 -2.59
C SER A 69 -2.33 13.74 -3.28
N VAL A 70 -3.46 13.74 -2.57
CA VAL A 70 -4.71 14.23 -3.11
C VAL A 70 -4.91 15.66 -2.61
N ARG A 71 -5.32 16.56 -3.51
CA ARG A 71 -5.38 17.98 -3.19
C ARG A 71 -6.76 18.55 -3.48
N CYS A 72 -7.08 19.64 -2.79
CA CYS A 72 -8.29 20.41 -3.05
C CYS A 72 -7.89 21.88 -3.07
N GLY A 73 -8.12 22.55 -4.20
CA GLY A 73 -7.64 23.92 -4.35
C GLY A 73 -6.15 24.05 -4.14
N GLY A 74 -5.39 23.00 -4.50
CA GLY A 74 -3.97 22.98 -4.27
C GLY A 74 -3.54 22.52 -2.90
N TRP A 75 -4.44 22.48 -1.92
CA TRP A 75 -4.13 22.11 -0.55
C TRP A 75 -4.18 20.60 -0.37
N PRO A 76 -3.23 19.98 0.32
CA PRO A 76 -3.37 18.55 0.65
C PRO A 76 -4.61 18.32 1.50
N LEU A 77 -5.25 17.16 1.33
CA LEU A 77 -6.43 16.91 2.13
C LEU A 77 -6.11 16.90 3.64
N ARG A 78 -4.86 16.60 4.01
CA ARG A 78 -4.49 16.69 5.42
C ARG A 78 -4.73 18.09 5.98
N TRP A 79 -4.40 19.12 5.19
CA TRP A 79 -4.66 20.50 5.60
C TRP A 79 -6.15 20.75 5.76
N MSE A 80 -6.96 20.22 4.85
CA MSE A 80 -8.41 20.37 4.96
C MSE A 80 -8.90 19.77 6.27
O MSE A 80 -9.74 20.35 6.95
CB MSE A 80 -9.09 19.72 3.75
CG MSE A 80 -8.56 20.26 2.46
SE MSE A 80 -9.61 21.84 1.95
CE MSE A 80 -11.26 20.78 1.62
N MSE A 81 -8.38 18.59 6.61
CA MSE A 81 -8.73 17.96 7.88
C MSE A 81 -8.27 18.73 9.10
O MSE A 81 -9.00 18.84 10.08
CB MSE A 81 -8.14 16.57 7.93
CG MSE A 81 -8.73 15.74 6.84
SE MSE A 81 -7.90 13.95 6.97
CE MSE A 81 -9.14 13.11 5.77
N GLU A 82 -7.02 19.24 9.04
CA GLU A 82 -6.48 19.98 10.17
C GLU A 82 -7.30 21.22 10.46
N ASN A 83 -7.95 21.79 9.45
CA ASN A 83 -8.69 23.03 9.62
C ASN A 83 -10.20 22.84 9.63
N GLY A 84 -10.65 21.60 9.81
CA GLY A 84 -12.07 21.34 9.99
C GLY A 84 -12.91 21.37 8.75
N PHE A 85 -12.32 21.44 7.56
CA PHE A 85 -13.11 21.44 6.33
C PHE A 85 -13.46 20.04 5.84
N LEU A 86 -12.78 19.01 6.34
CA LEU A 86 -12.98 17.65 5.80
C LEU A 86 -12.93 16.64 6.94
N PRO A 87 -13.87 15.71 7.00
CA PRO A 87 -13.81 14.70 8.06
C PRO A 87 -12.71 13.69 7.78
N ASP A 88 -12.19 13.10 8.86
CA ASP A 88 -11.20 12.04 8.77
C ASP A 88 -11.93 10.71 8.75
N PRO A 89 -11.84 9.91 7.69
CA PRO A 89 -12.74 8.76 7.52
C PRO A 89 -12.43 7.67 8.53
N PRO A 90 -13.45 6.99 9.04
CA PRO A 90 -13.20 5.85 9.95
C PRO A 90 -12.68 4.64 9.19
N ARG A 91 -11.92 3.80 9.88
CA ARG A 91 -11.41 2.59 9.23
C ARG A 91 -12.56 1.65 8.87
N ILE A 92 -13.55 1.53 9.76
CA ILE A 92 -14.67 0.62 9.52
C ILE A 92 -15.98 1.39 9.49
N ARG A 93 -17.02 0.71 9.01
CA ARG A 93 -18.30 1.34 8.72
C ARG A 93 -19.33 1.10 9.81
N TYR A 94 -18.90 0.68 11.00
CA TYR A 94 -19.81 0.41 12.11
C TYR A 94 -19.05 0.72 13.40
N ARG A 95 -19.80 0.83 14.51
CA ARG A 95 -19.22 1.10 15.82
C ARG A 95 -18.80 -0.21 16.46
N LYS A 96 -17.55 -0.26 16.92
CA LYS A 96 -17.07 -1.50 17.53
C LYS A 96 -17.86 -1.80 18.80
N LYS A 97 -18.09 -3.09 19.03
CA LYS A 97 -18.77 -3.52 20.24
C LYS A 97 -17.80 -3.54 21.42
N LYS A 98 -18.34 -3.33 22.62
CA LYS A 98 -17.55 -3.36 23.84
C LYS A 98 -16.72 -4.65 23.90
N ARG A 99 -15.43 -4.49 24.19
CA ARG A 99 -14.48 -5.60 24.11
C ARG A 99 -13.55 -5.64 25.33
N THR B 8 25.26 -11.80 -6.00
CA THR B 8 24.70 -11.67 -7.36
C THR B 8 23.33 -12.36 -7.46
N VAL B 9 22.42 -11.71 -8.17
CA VAL B 9 21.01 -12.09 -8.22
C VAL B 9 20.61 -12.34 -9.67
N ASP B 10 20.10 -13.54 -9.92
CA ASP B 10 19.45 -13.89 -11.19
C ASP B 10 17.99 -14.13 -10.86
N PHE B 11 17.11 -13.20 -11.28
CA PHE B 11 15.69 -13.28 -10.92
C PHE B 11 15.05 -14.56 -11.43
N LYS B 12 15.58 -15.14 -12.51
CA LYS B 12 15.01 -16.31 -13.14
C LYS B 12 15.54 -17.62 -12.57
N ALA B 13 16.53 -17.57 -11.69
CA ALA B 13 17.15 -18.79 -11.19
C ALA B 13 16.20 -19.55 -10.27
N PRO B 14 16.35 -20.88 -10.18
CA PRO B 14 15.49 -21.65 -9.26
C PRO B 14 15.77 -21.39 -7.80
N LEU B 15 16.96 -20.85 -7.48
CA LEU B 15 17.37 -20.52 -6.13
C LEU B 15 17.62 -19.03 -6.09
N LEU B 16 17.06 -18.36 -5.07
CA LEU B 16 17.18 -16.92 -4.93
C LEU B 16 17.90 -16.56 -3.63
N PRO B 17 18.97 -15.77 -3.68
CA PRO B 17 19.49 -15.17 -2.45
C PRO B 17 18.48 -14.18 -1.90
N VAL B 18 18.09 -14.35 -0.63
CA VAL B 18 17.14 -13.42 -0.02
C VAL B 18 17.75 -12.87 1.25
N THR B 19 17.20 -11.75 1.71
CA THR B 19 17.59 -11.14 2.95
C THR B 19 16.34 -10.78 3.73
N CYS B 20 16.48 -10.72 5.05
CA CYS B 20 15.45 -10.16 5.92
C CYS B 20 16.14 -9.59 7.14
N GLY B 21 16.03 -8.28 7.34
CA GLY B 21 16.77 -7.63 8.42
C GLY B 21 18.24 -8.02 8.49
N GLY B 22 18.90 -8.10 7.34
CA GLY B 22 20.30 -8.46 7.35
C GLY B 22 20.64 -9.93 7.53
N VAL B 23 19.67 -10.79 7.85
CA VAL B 23 19.89 -12.24 7.78
C VAL B 23 19.85 -12.67 6.32
N LYS B 24 20.85 -13.45 5.90
CA LYS B 24 20.94 -13.96 4.55
C LYS B 24 20.35 -15.35 4.48
N GLY B 25 19.67 -15.65 3.37
CA GLY B 25 19.17 -16.98 3.12
C GLY B 25 19.17 -17.29 1.64
N ILE B 26 18.83 -18.54 1.32
CA ILE B 26 18.63 -18.96 -0.06
C ILE B 26 17.22 -19.50 -0.16
N MSE B 27 16.38 -18.87 -1.00
CA MSE B 27 15.02 -19.39 -1.21
C MSE B 27 14.95 -20.31 -2.40
O MSE B 27 15.40 -19.99 -3.51
CB MSE B 27 13.99 -18.26 -1.40
CG MSE B 27 12.48 -18.76 -1.51
SE MSE B 27 11.48 -17.09 -1.62
CE MSE B 27 10.61 -17.23 0.10
N HIS B 28 14.34 -21.47 -2.18
CA HIS B 28 14.11 -22.48 -3.19
C HIS B 28 12.70 -22.31 -3.74
N LYS B 29 12.59 -21.85 -5.00
CA LYS B 29 11.28 -21.59 -5.60
C LYS B 29 10.40 -22.84 -5.62
N LYS B 30 11.00 -24.00 -5.91
CA LYS B 30 10.22 -25.25 -5.97
C LYS B 30 9.56 -25.56 -4.65
N LYS B 31 10.23 -25.25 -3.54
CA LYS B 31 9.65 -25.48 -2.21
C LYS B 31 8.59 -24.44 -1.89
N LEU B 32 8.84 -23.16 -2.18
CA LEU B 32 7.83 -22.12 -2.00
C LEU B 32 6.54 -22.48 -2.74
N GLN B 33 6.68 -23.03 -3.95
CA GLN B 33 5.50 -23.35 -4.75
C GLN B 33 4.59 -24.37 -4.07
N GLN B 34 5.13 -25.16 -3.14
CA GLN B 34 4.34 -26.14 -2.39
C GLN B 34 3.52 -25.52 -1.28
N GLY B 35 3.58 -24.22 -1.07
CA GLY B 35 2.81 -23.58 -0.03
C GLY B 35 3.67 -23.09 1.12
N ILE B 36 3.12 -22.15 1.88
CA ILE B 36 3.89 -21.47 2.91
C ILE B 36 4.18 -22.33 4.13
N LEU B 37 3.59 -23.53 4.24
CA LEU B 37 3.94 -24.38 5.36
C LEU B 37 5.23 -25.14 5.11
N VAL B 38 5.74 -25.11 3.88
CA VAL B 38 6.98 -25.79 3.56
C VAL B 38 8.14 -24.84 3.85
N LYS B 39 9.16 -25.34 4.53
CA LYS B 39 10.38 -24.57 4.72
C LYS B 39 11.10 -24.46 3.38
N CYS B 40 11.27 -23.23 2.90
CA CYS B 40 11.82 -23.00 1.58
C CYS B 40 13.06 -22.11 1.60
N ILE B 41 13.47 -21.58 2.77
CA ILE B 41 14.60 -20.67 2.87
C ILE B 41 15.65 -21.29 3.78
N GLN B 42 16.87 -21.44 3.29
CA GLN B 42 17.95 -22.05 4.06
C GLN B 42 19.02 -21.00 4.36
N THR B 43 19.40 -20.87 5.62
CA THR B 43 20.43 -19.94 6.06
C THR B 43 21.81 -20.60 5.96
N GLU B 44 22.86 -19.79 6.20
CA GLU B 44 24.22 -20.23 5.93
C GLU B 44 24.71 -21.30 6.93
N ASP B 45 24.06 -21.44 8.06
CA ASP B 45 24.34 -22.56 8.96
C ASP B 45 23.56 -23.82 8.59
N GLY B 46 22.85 -23.80 7.46
CA GLY B 46 22.11 -24.97 6.98
C GLY B 46 20.68 -25.10 7.49
N LYS B 47 20.23 -24.21 8.35
CA LYS B 47 18.88 -24.34 8.93
C LYS B 47 17.81 -23.87 7.93
N TRP B 48 16.58 -24.37 8.13
CA TRP B 48 15.49 -24.14 7.19
C TRP B 48 14.33 -23.41 7.84
N PHE B 49 13.66 -22.57 7.05
CA PHE B 49 12.64 -21.66 7.54
C PHE B 49 11.49 -21.57 6.53
N THR B 50 10.27 -21.53 7.03
CA THR B 50 9.17 -21.04 6.21
C THR B 50 9.33 -19.53 6.01
N PRO B 51 8.57 -18.93 5.07
CA PRO B 51 8.68 -17.47 4.89
C PRO B 51 8.34 -16.67 6.14
N THR B 52 7.31 -17.06 6.90
CA THR B 52 7.00 -16.28 8.10
C THR B 52 8.05 -16.52 9.18
N GLU B 53 8.56 -17.74 9.30
CA GLU B 53 9.65 -17.98 10.23
C GLU B 53 10.87 -17.13 9.90
N PHE B 54 11.17 -16.96 8.61
CA PHE B 54 12.31 -16.14 8.22
C PHE B 54 12.05 -14.68 8.52
N GLU B 55 10.80 -14.24 8.36
CA GLU B 55 10.46 -12.87 8.75
C GLU B 55 10.76 -12.64 10.24
N ILE B 56 10.36 -13.60 11.09
CA ILE B 56 10.66 -13.49 12.52
C ILE B 56 12.16 -13.51 12.77
N LYS B 57 12.86 -14.46 12.13
CA LYS B 57 14.31 -14.58 12.28
C LYS B 57 15.01 -13.26 11.97
N GLY B 58 14.53 -12.52 10.96
CA GLY B 58 15.11 -11.25 10.58
C GLY B 58 14.67 -10.07 11.39
N GLY B 59 13.95 -10.30 12.49
CA GLY B 59 13.54 -9.21 13.35
C GLY B 59 12.27 -8.50 12.95
N HIS B 60 11.51 -9.04 12.00
CA HIS B 60 10.35 -8.33 11.46
C HIS B 60 9.02 -9.00 11.79
N ALA B 61 8.97 -9.71 12.92
CA ALA B 61 7.72 -10.33 13.37
C ALA B 61 6.55 -9.34 13.36
N ARG B 62 6.80 -8.09 13.76
CA ARG B 62 5.69 -7.16 13.90
C ARG B 62 5.08 -6.74 12.57
N SER B 63 5.82 -6.91 11.46
CA SER B 63 5.27 -6.47 10.18
C SER B 63 4.24 -7.45 9.63
N LYS B 64 4.35 -8.73 10.01
CA LYS B 64 3.39 -9.77 9.62
C LYS B 64 3.10 -9.76 8.12
N ASN B 65 4.15 -9.58 7.31
CA ASN B 65 3.98 -9.66 5.86
C ASN B 65 5.32 -10.07 5.24
N TRP B 66 5.51 -11.39 5.13
CA TRP B 66 6.76 -11.89 4.58
C TRP B 66 6.96 -11.47 3.13
N ARG B 67 5.86 -11.20 2.42
CA ARG B 67 5.96 -10.77 1.02
C ARG B 67 6.62 -9.41 0.89
N LEU B 68 6.52 -8.57 1.92
CA LEU B 68 7.25 -7.30 1.91
C LEU B 68 8.54 -7.34 2.74
N SER B 69 8.56 -8.13 3.81
CA SER B 69 9.69 -8.17 4.74
C SER B 69 10.89 -8.93 4.15
N VAL B 70 10.65 -9.91 3.31
CA VAL B 70 11.75 -10.68 2.73
C VAL B 70 12.08 -10.06 1.39
N ARG B 71 13.37 -9.88 1.12
CA ARG B 71 13.83 -9.11 -0.03
C ARG B 71 14.73 -9.97 -0.90
N CYS B 72 14.73 -9.68 -2.20
CA CYS B 72 15.64 -10.32 -3.16
C CYS B 72 16.29 -9.24 -3.99
N GLY B 73 17.61 -9.10 -3.87
CA GLY B 73 18.29 -7.96 -4.46
C GLY B 73 17.76 -6.63 -4.00
N GLY B 74 17.28 -6.55 -2.76
CA GLY B 74 16.63 -5.35 -2.28
C GLY B 74 15.16 -5.22 -2.59
N TRP B 75 14.62 -6.00 -3.53
CA TRP B 75 13.21 -5.90 -3.89
C TRP B 75 12.36 -6.75 -2.96
N PRO B 76 11.22 -6.26 -2.47
CA PRO B 76 10.31 -7.16 -1.76
C PRO B 76 9.90 -8.29 -2.66
N LEU B 77 9.72 -9.48 -2.08
CA LEU B 77 9.22 -10.60 -2.86
C LEU B 77 7.93 -10.23 -3.59
N ARG B 78 7.12 -9.33 -3.03
CA ARG B 78 5.88 -8.95 -3.71
C ARG B 78 6.16 -8.41 -5.11
N TRP B 79 7.24 -7.60 -5.23
CA TRP B 79 7.61 -7.07 -6.53
C TRP B 79 8.05 -8.19 -7.47
N MSE B 80 8.71 -9.21 -6.93
CA MSE B 80 9.13 -10.32 -7.76
C MSE B 80 7.90 -11.05 -8.31
O MSE B 80 7.89 -11.47 -9.46
CB MSE B 80 10.02 -11.25 -6.94
CG MSE B 80 11.17 -10.47 -6.35
SE MSE B 80 12.68 -10.58 -7.59
CE MSE B 80 12.91 -12.45 -6.99
N MSE B 81 6.88 -11.17 -7.48
CA MSE B 81 5.65 -11.83 -7.90
C MSE B 81 4.91 -11.01 -8.95
O MSE B 81 4.38 -11.53 -9.94
CB MSE B 81 4.75 -12.07 -6.71
CG MSE B 81 5.42 -12.93 -5.62
SE MSE B 81 4.34 -12.89 -4.00
CE MSE B 81 5.41 -14.17 -2.96
N GLU B 82 4.88 -9.69 -8.73
CA GLU B 82 4.19 -8.80 -9.65
C GLU B 82 4.80 -8.84 -11.04
N ASN B 83 6.10 -9.10 -11.13
CA ASN B 83 6.80 -9.09 -12.40
C ASN B 83 7.12 -10.47 -12.91
N GLY B 84 6.44 -11.51 -12.37
CA GLY B 84 6.51 -12.85 -12.92
C GLY B 84 7.77 -13.63 -12.62
N PHE B 85 8.60 -13.18 -11.68
CA PHE B 85 9.84 -13.84 -11.34
C PHE B 85 9.69 -14.86 -10.21
N LEU B 86 8.55 -14.85 -9.50
CA LEU B 86 8.42 -15.68 -8.30
C LEU B 86 6.96 -16.08 -8.19
N PRO B 87 6.67 -17.37 -8.00
CA PRO B 87 5.27 -17.76 -7.80
C PRO B 87 4.73 -17.21 -6.48
N ASP B 88 3.46 -16.84 -6.50
CA ASP B 88 2.75 -16.40 -5.32
C ASP B 88 2.02 -17.61 -4.79
N PRO B 89 2.36 -18.14 -3.63
CA PRO B 89 1.72 -19.37 -3.18
C PRO B 89 0.26 -19.13 -2.86
N PRO B 90 -0.63 -20.03 -3.29
CA PRO B 90 -2.08 -19.89 -3.06
C PRO B 90 -2.49 -20.31 -1.65
#